data_1UL2
#
_entry.id   1UL2
#
_entity_poly.entity_id   1
_entity_poly.type   'polypeptide(L)'
_entity_poly.pdbx_seq_one_letter_code
;GCCSHPACAGNNQHIC(NH2)
;
_entity_poly.pdbx_strand_id   A
#
# COMPACT_ATOMS: atom_id res chain seq x y z
N GLY A 1 -7.09 5.41 0.53
CA GLY A 1 -7.15 5.59 -0.94
C GLY A 1 -6.36 4.53 -1.69
N CYS A 2 -5.07 4.79 -1.86
CA CYS A 2 -4.19 3.85 -2.57
C CYS A 2 -3.81 2.68 -1.66
N CYS A 3 -3.49 2.99 -0.42
CA CYS A 3 -3.10 1.98 0.56
C CYS A 3 -4.13 0.84 0.62
N SER A 4 -5.37 1.16 0.25
CA SER A 4 -6.44 0.16 0.26
C SER A 4 -6.30 -0.83 -0.89
N HIS A 5 -5.33 -0.59 -1.78
CA HIS A 5 -5.12 -1.47 -2.92
C HIS A 5 -3.95 -2.43 -2.65
N PRO A 6 -4.08 -3.70 -3.08
CA PRO A 6 -3.04 -4.71 -2.89
C PRO A 6 -1.70 -4.29 -3.48
N ALA A 7 -1.76 -3.50 -4.55
CA ALA A 7 -0.55 -3.02 -5.23
C ALA A 7 0.16 -1.96 -4.39
N CYS A 8 -0.64 -1.15 -3.69
CA CYS A 8 -0.08 -0.09 -2.85
C CYS A 8 0.54 -0.66 -1.58
N ALA A 9 -0.29 -1.30 -0.77
CA ALA A 9 0.17 -1.90 0.48
C ALA A 9 1.33 -2.87 0.24
N GLY A 10 1.39 -3.42 -0.98
CA GLY A 10 2.46 -4.36 -1.30
C GLY A 10 3.83 -3.78 -1.06
N ASN A 11 4.09 -2.60 -1.61
CA ASN A 11 5.37 -1.94 -1.45
C ASN A 11 5.30 -0.86 -0.38
N ASN A 12 4.11 -0.61 0.15
CA ASN A 12 3.90 0.40 1.18
C ASN A 12 3.83 -0.23 2.56
N GLN A 13 4.48 -1.38 2.72
CA GLN A 13 4.49 -2.08 4.01
C GLN A 13 4.96 -1.14 5.12
N HIS A 14 5.89 -0.26 4.76
CA HIS A 14 6.43 0.72 5.70
C HIS A 14 5.93 2.12 5.34
N ILE A 15 5.69 2.33 4.04
CA ILE A 15 5.19 3.62 3.56
C ILE A 15 3.86 3.97 4.20
N CYS A 16 2.90 3.08 4.06
CA CYS A 16 1.57 3.28 4.62
C CYS A 16 1.52 2.82 6.07
N GLY A 1 -7.56 5.14 0.23
CA GLY A 1 -7.31 5.50 -1.18
C GLY A 1 -6.56 4.43 -1.93
N CYS A 2 -5.28 4.65 -2.17
CA CYS A 2 -4.44 3.68 -2.88
C CYS A 2 -3.99 2.57 -1.96
N CYS A 3 -3.57 2.94 -0.76
CA CYS A 3 -3.09 1.98 0.24
C CYS A 3 -4.11 0.88 0.46
N SER A 4 -5.38 1.19 0.20
CA SER A 4 -6.46 0.21 0.37
C SER A 4 -6.38 -0.89 -0.70
N HIS A 5 -5.52 -0.70 -1.69
CA HIS A 5 -5.37 -1.68 -2.76
C HIS A 5 -4.14 -2.56 -2.52
N PRO A 6 -4.26 -3.87 -2.79
CA PRO A 6 -3.16 -4.82 -2.61
C PRO A 6 -1.91 -4.44 -3.41
N ALA A 7 -2.12 -3.64 -4.46
CA ALA A 7 -1.02 -3.20 -5.31
C ALA A 7 -0.43 -1.87 -4.84
N CYS A 8 -0.75 -1.48 -3.62
CA CYS A 8 -0.25 -0.22 -3.06
C CYS A 8 0.49 -0.47 -1.75
N ALA A 9 -0.05 -1.34 -0.93
CA ALA A 9 0.56 -1.67 0.36
C ALA A 9 1.77 -2.59 0.18
N GLY A 10 1.83 -3.26 -0.97
CA GLY A 10 2.93 -4.17 -1.25
C GLY A 10 4.28 -3.52 -1.05
N ASN A 11 4.42 -2.29 -1.55
CA ASN A 11 5.66 -1.55 -1.43
C ASN A 11 5.59 -0.55 -0.28
N ASN A 12 4.38 -0.16 0.08
CA ASN A 12 4.16 0.78 1.17
C ASN A 12 3.77 0.07 2.46
N GLN A 13 4.12 -1.22 2.56
CA GLN A 13 3.82 -1.99 3.75
C GLN A 13 4.34 -1.28 4.99
N HIS A 14 5.53 -0.68 4.85
CA HIS A 14 6.15 0.06 5.93
C HIS A 14 5.95 1.56 5.70
N ILE A 15 5.86 1.95 4.44
CA ILE A 15 5.67 3.34 4.07
C ILE A 15 4.32 3.85 4.55
N CYS A 16 3.27 3.12 4.19
CA CYS A 16 1.92 3.48 4.58
C CYS A 16 1.78 3.49 6.10
N GLY A 1 -6.80 6.23 -0.47
CA GLY A 1 -7.38 5.65 -1.70
C GLY A 1 -6.51 4.57 -2.30
N CYS A 2 -5.22 4.84 -2.42
CA CYS A 2 -4.27 3.89 -2.98
C CYS A 2 -3.94 2.78 -1.98
N CYS A 3 -3.73 3.18 -0.73
CA CYS A 3 -3.41 2.24 0.34
C CYS A 3 -4.50 1.17 0.46
N SER A 4 -5.70 1.49 0.01
CA SER A 4 -6.81 0.55 0.07
C SER A 4 -6.60 -0.64 -0.87
N HIS A 5 -5.61 -0.52 -1.75
CA HIS A 5 -5.32 -1.59 -2.70
C HIS A 5 -4.14 -2.44 -2.22
N PRO A 6 -4.11 -3.72 -2.62
CA PRO A 6 -3.04 -4.65 -2.23
C PRO A 6 -1.72 -4.33 -2.93
N ALA A 7 -1.81 -3.72 -4.11
CA ALA A 7 -0.62 -3.37 -4.86
C ALA A 7 0.08 -2.15 -4.26
N CYS A 8 -0.69 -1.26 -3.65
CA CYS A 8 -0.14 -0.07 -3.04
C CYS A 8 0.56 -0.40 -1.72
N ALA A 9 -0.09 -1.24 -0.92
CA ALA A 9 0.47 -1.65 0.37
C ALA A 9 1.42 -2.83 0.22
N GLY A 10 1.67 -3.25 -1.02
CA GLY A 10 2.57 -4.36 -1.26
C GLY A 10 4.03 -3.96 -1.17
N ASN A 11 4.38 -2.84 -1.79
CA ASN A 11 5.75 -2.35 -1.79
C ASN A 11 5.93 -1.24 -0.76
N ASN A 12 4.84 -0.56 -0.44
CA ASN A 12 4.88 0.54 0.53
C ASN A 12 4.37 0.06 1.89
N GLN A 13 4.79 -1.13 2.29
CA GLN A 13 4.37 -1.70 3.56
C GLN A 13 4.86 -0.85 4.74
N HIS A 14 6.02 -0.21 4.54
CA HIS A 14 6.60 0.62 5.58
C HIS A 14 5.90 1.98 5.64
N ILE A 15 5.47 2.46 4.47
CA ILE A 15 4.79 3.75 4.39
C ILE A 15 3.46 3.70 5.14
N CYS A 16 2.58 2.84 4.67
CA CYS A 16 1.26 2.68 5.27
C CYS A 16 1.37 1.91 6.59
N GLY A 1 -8.19 4.88 -0.33
CA GLY A 1 -7.12 5.52 -1.14
C GLY A 1 -6.22 4.51 -1.82
N CYS A 2 -4.93 4.81 -1.86
CA CYS A 2 -3.96 3.92 -2.48
C CYS A 2 -3.68 2.72 -1.59
N CYS A 3 -3.52 2.98 -0.30
CA CYS A 3 -3.25 1.91 0.67
C CYS A 3 -4.35 0.86 0.65
N SER A 4 -5.53 1.24 0.17
CA SER A 4 -6.66 0.31 0.09
C SER A 4 -6.42 -0.77 -0.95
N HIS A 5 -5.38 -0.60 -1.78
CA HIS A 5 -5.05 -1.58 -2.81
C HIS A 5 -3.92 -2.49 -2.37
N PRO A 6 -3.91 -3.74 -2.86
CA PRO A 6 -2.87 -4.72 -2.51
C PRO A 6 -1.53 -4.40 -3.14
N ALA A 7 -1.57 -3.71 -4.27
CA ALA A 7 -0.36 -3.34 -4.99
C ALA A 7 0.34 -2.16 -4.30
N CYS A 8 -0.45 -1.26 -3.74
CA CYS A 8 0.09 -0.09 -3.05
C CYS A 8 0.76 -0.49 -1.75
N ALA A 9 -0.04 -0.98 -0.81
CA ALA A 9 0.49 -1.40 0.49
C ALA A 9 1.49 -2.54 0.34
N GLY A 10 1.34 -3.33 -0.72
CA GLY A 10 2.24 -4.44 -0.96
C GLY A 10 3.70 -4.02 -0.99
N ASN A 11 3.98 -2.93 -1.70
CA ASN A 11 5.35 -2.42 -1.80
C ASN A 11 5.56 -1.25 -0.84
N ASN A 12 4.50 -0.51 -0.56
CA ASN A 12 4.56 0.62 0.34
C ASN A 12 4.05 0.25 1.73
N GLN A 13 4.19 -1.03 2.08
CA GLN A 13 3.75 -1.53 3.39
C GLN A 13 4.36 -0.71 4.51
N HIS A 14 5.65 -0.40 4.38
CA HIS A 14 6.36 0.37 5.39
C HIS A 14 5.87 1.82 5.41
N ILE A 15 5.44 2.31 4.25
CA ILE A 15 4.95 3.67 4.14
C ILE A 15 3.66 3.86 4.93
N CYS A 16 2.67 3.02 4.62
CA CYS A 16 1.39 3.08 5.30
C CYS A 16 1.54 2.79 6.79
N GLY A 1 -8.04 5.30 -0.39
CA GLY A 1 -6.69 5.77 -0.80
C GLY A 1 -5.89 4.70 -1.51
N CYS A 2 -4.58 4.88 -1.57
CA CYS A 2 -3.70 3.92 -2.22
C CYS A 2 -3.57 2.65 -1.39
N CYS A 3 -3.42 2.83 -0.09
CA CYS A 3 -3.29 1.70 0.83
C CYS A 3 -4.44 0.71 0.67
N SER A 4 -5.57 1.20 0.15
CA SER A 4 -6.74 0.35 -0.05
C SER A 4 -6.54 -0.63 -1.22
N HIS A 5 -5.43 -0.47 -1.94
CA HIS A 5 -5.14 -1.33 -3.07
C HIS A 5 -4.14 -2.42 -2.69
N PRO A 6 -4.26 -3.61 -3.30
CA PRO A 6 -3.36 -4.73 -3.02
C PRO A 6 -1.96 -4.53 -3.60
N ALA A 7 -1.88 -3.73 -4.67
CA ALA A 7 -0.61 -3.46 -5.32
C ALA A 7 0.02 -2.17 -4.79
N CYS A 8 -0.45 -1.70 -3.64
CA CYS A 8 0.06 -0.49 -3.03
C CYS A 8 0.74 -0.78 -1.70
N ALA A 9 -0.05 -1.23 -0.74
CA ALA A 9 0.45 -1.57 0.58
C ALA A 9 1.53 -2.65 0.51
N GLY A 10 1.44 -3.50 -0.51
CA GLY A 10 2.41 -4.57 -0.68
C GLY A 10 3.82 -4.03 -0.84
N ASN A 11 3.96 -2.91 -1.54
CA ASN A 11 5.26 -2.30 -1.76
C ASN A 11 5.49 -1.14 -0.80
N ASN A 12 4.40 -0.46 -0.43
CA ASN A 12 4.48 0.66 0.48
C ASN A 12 4.08 0.25 1.89
N GLN A 13 4.49 -0.96 2.28
CA GLN A 13 4.19 -1.49 3.60
C GLN A 13 4.78 -0.59 4.69
N HIS A 14 5.98 -0.10 4.46
CA HIS A 14 6.66 0.76 5.42
C HIS A 14 6.02 2.14 5.45
N ILE A 15 5.55 2.59 4.29
CA ILE A 15 4.91 3.89 4.18
C ILE A 15 3.63 3.94 5.01
N CYS A 16 2.69 3.11 4.63
CA CYS A 16 1.40 3.03 5.31
C CYS A 16 1.59 2.59 6.76
N GLY A 1 -7.51 5.17 0.43
CA GLY A 1 -6.88 5.65 -0.82
C GLY A 1 -6.03 4.59 -1.49
N CYS A 2 -4.78 4.92 -1.75
CA CYS A 2 -3.85 3.99 -2.40
C CYS A 2 -3.68 2.72 -1.56
N CYS A 3 -3.54 2.92 -0.25
CA CYS A 3 -3.36 1.80 0.67
C CYS A 3 -4.52 0.81 0.57
N SER A 4 -5.66 1.29 0.09
CA SER A 4 -6.85 0.45 -0.06
C SER A 4 -6.63 -0.62 -1.14
N HIS A 5 -5.57 -0.48 -1.92
CA HIS A 5 -5.26 -1.44 -2.98
C HIS A 5 -4.18 -2.42 -2.52
N PRO A 6 -4.20 -3.65 -3.08
CA PRO A 6 -3.22 -4.68 -2.74
C PRO A 6 -1.83 -4.38 -3.30
N ALA A 7 -1.79 -3.63 -4.40
CA ALA A 7 -0.53 -3.27 -5.04
C ALA A 7 0.19 -2.19 -4.25
N CYS A 8 -0.58 -1.31 -3.62
CA CYS A 8 -0.01 -0.22 -2.83
C CYS A 8 0.64 -0.76 -1.56
N ALA A 9 -0.13 -1.48 -0.77
CA ALA A 9 0.36 -2.05 0.48
C ALA A 9 1.58 -2.93 0.24
N GLY A 10 1.66 -3.52 -0.96
CA GLY A 10 2.77 -4.38 -1.30
C GLY A 10 4.11 -3.68 -1.14
N ASN A 11 4.21 -2.47 -1.67
CA ASN A 11 5.45 -1.69 -1.58
C ASN A 11 5.35 -0.65 -0.47
N ASN A 12 4.15 -0.45 0.06
CA ASN A 12 3.92 0.51 1.13
C ASN A 12 3.86 -0.18 2.49
N GLN A 13 4.54 -1.32 2.61
CA GLN A 13 4.55 -2.06 3.87
C GLN A 13 4.98 -1.14 5.01
N HIS A 14 5.92 -0.25 4.71
CA HIS A 14 6.42 0.71 5.69
C HIS A 14 5.90 2.10 5.36
N ILE A 15 5.67 2.35 4.08
CA ILE A 15 5.16 3.64 3.62
C ILE A 15 3.81 3.95 4.26
N CYS A 16 2.88 3.02 4.09
CA CYS A 16 1.53 3.18 4.64
C CYS A 16 1.47 2.63 6.06
N GLY A 1 -8.48 4.84 -0.16
CA GLY A 1 -7.20 5.44 -0.63
C GLY A 1 -6.35 4.46 -1.41
N CYS A 2 -5.06 4.77 -1.54
CA CYS A 2 -4.14 3.91 -2.27
C CYS A 2 -3.81 2.65 -1.47
N CYS A 3 -3.58 2.84 -0.17
CA CYS A 3 -3.26 1.72 0.72
C CYS A 3 -4.31 0.61 0.63
N SER A 4 -5.52 0.99 0.21
CA SER A 4 -6.61 0.02 0.09
C SER A 4 -6.40 -0.92 -1.09
N HIS A 5 -5.39 -0.63 -1.91
CA HIS A 5 -5.09 -1.45 -3.08
C HIS A 5 -3.93 -2.40 -2.78
N PRO A 6 -4.09 -3.70 -3.12
CA PRO A 6 -3.05 -4.70 -2.89
C PRO A 6 -1.71 -4.31 -3.50
N ALA A 7 -1.77 -3.52 -4.57
CA ALA A 7 -0.56 -3.07 -5.26
C ALA A 7 0.15 -1.97 -4.47
N CYS A 8 -0.64 -1.14 -3.79
CA CYS A 8 -0.08 -0.05 -3.00
C CYS A 8 0.55 -0.56 -1.72
N ALA A 9 -0.27 -1.13 -0.85
CA ALA A 9 0.20 -1.66 0.43
C ALA A 9 1.30 -2.70 0.22
N GLY A 10 1.33 -3.30 -0.97
CA GLY A 10 2.35 -4.30 -1.28
C GLY A 10 3.74 -3.81 -0.99
N ASN A 11 4.10 -2.67 -1.56
CA ASN A 11 5.43 -2.09 -1.36
C ASN A 11 5.39 -0.98 -0.31
N ASN A 12 4.18 -0.66 0.18
CA ASN A 12 4.02 0.38 1.17
C ASN A 12 3.87 -0.22 2.57
N GLN A 13 4.47 -1.38 2.79
CA GLN A 13 4.42 -2.05 4.08
C GLN A 13 4.84 -1.09 5.19
N HIS A 14 5.85 -0.28 4.89
CA HIS A 14 6.36 0.70 5.84
C HIS A 14 5.94 2.11 5.41
N ILE A 15 5.81 2.29 4.10
CA ILE A 15 5.43 3.58 3.54
C ILE A 15 4.10 4.05 4.12
N CYS A 16 3.08 3.23 3.95
CA CYS A 16 1.74 3.53 4.45
C CYS A 16 1.58 3.07 5.89
N GLY A 1 -7.77 6.48 -1.99
CA GLY A 1 -7.16 5.50 -1.04
C GLY A 1 -6.32 4.45 -1.74
N CYS A 2 -5.04 4.75 -1.94
CA CYS A 2 -4.13 3.81 -2.60
C CYS A 2 -3.79 2.64 -1.69
N CYS A 3 -3.54 2.94 -0.41
CA CYS A 3 -3.20 1.91 0.56
C CYS A 3 -4.28 0.84 0.63
N SER A 4 -5.48 1.19 0.21
CA SER A 4 -6.60 0.24 0.23
C SER A 4 -6.43 -0.84 -0.85
N HIS A 5 -5.44 -0.66 -1.72
CA HIS A 5 -5.18 -1.62 -2.79
C HIS A 5 -4.03 -2.55 -2.42
N PRO A 6 -4.07 -3.81 -2.91
CA PRO A 6 -3.03 -4.80 -2.62
C PRO A 6 -1.72 -4.49 -3.34
N ALA A 7 -1.83 -3.80 -4.47
CA ALA A 7 -0.65 -3.44 -5.26
C ALA A 7 0.07 -2.26 -4.63
N CYS A 8 -0.68 -1.38 -3.97
CA CYS A 8 -0.10 -0.21 -3.33
C CYS A 8 0.58 -0.59 -2.02
N ALA A 9 -0.22 -1.05 -1.07
CA ALA A 9 0.29 -1.46 0.24
C ALA A 9 1.44 -2.45 0.11
N GLY A 10 1.47 -3.18 -1.01
CA GLY A 10 2.53 -4.15 -1.23
C GLY A 10 3.90 -3.56 -1.07
N ASN A 11 4.08 -2.33 -1.58
CA ASN A 11 5.37 -1.64 -1.49
C ASN A 11 5.36 -0.64 -0.34
N ASN A 12 4.17 -0.30 0.14
CA ASN A 12 4.02 0.66 1.24
C ASN A 12 3.80 -0.06 2.56
N GLN A 13 4.30 -1.29 2.66
CA GLN A 13 4.17 -2.07 3.90
C GLN A 13 4.62 -1.24 5.09
N HIS A 14 5.71 -0.51 4.89
CA HIS A 14 6.26 0.36 5.93
C HIS A 14 5.95 1.82 5.60
N ILE A 15 5.86 2.11 4.31
CA ILE A 15 5.57 3.47 3.85
C ILE A 15 4.23 3.93 4.37
N CYS A 16 3.20 3.12 4.16
CA CYS A 16 1.85 3.43 4.60
C CYS A 16 1.59 2.86 5.98
N GLY A 1 -6.62 5.87 0.14
CA GLY A 1 -6.72 5.79 -1.35
C GLY A 1 -5.97 4.60 -1.92
N CYS A 2 -4.66 4.74 -2.06
CA CYS A 2 -3.83 3.66 -2.60
C CYS A 2 -3.74 2.50 -1.62
N CYS A 3 -3.51 2.83 -0.36
CA CYS A 3 -3.39 1.82 0.69
C CYS A 3 -4.56 0.85 0.65
N SER A 4 -5.70 1.30 0.15
CA SER A 4 -6.88 0.46 0.05
C SER A 4 -6.67 -0.66 -0.96
N HIS A 5 -5.61 -0.55 -1.76
CA HIS A 5 -5.31 -1.56 -2.77
C HIS A 5 -4.23 -2.52 -2.28
N PRO A 6 -4.19 -3.74 -2.84
CA PRO A 6 -3.20 -4.75 -2.46
C PRO A 6 -1.83 -4.49 -3.06
N ALA A 7 -1.79 -3.70 -4.13
CA ALA A 7 -0.54 -3.37 -4.79
C ALA A 7 0.19 -2.23 -4.09
N CYS A 8 -0.56 -1.20 -3.71
CA CYS A 8 0.02 -0.05 -3.03
C CYS A 8 0.67 -0.45 -1.72
N ALA A 9 0.01 -1.35 -0.99
CA ALA A 9 0.53 -1.83 0.28
C ALA A 9 1.76 -2.70 0.08
N GLY A 10 1.82 -3.38 -1.07
CA GLY A 10 2.95 -4.24 -1.36
C GLY A 10 4.28 -3.51 -1.26
N ASN A 11 4.29 -2.26 -1.71
CA ASN A 11 5.49 -1.45 -1.67
C ASN A 11 5.45 -0.49 -0.49
N ASN A 12 4.24 -0.15 -0.06
CA ASN A 12 4.06 0.75 1.06
C ASN A 12 3.75 -0.02 2.35
N GLN A 13 4.23 -1.26 2.42
CA GLN A 13 4.01 -2.09 3.61
C GLN A 13 4.45 -1.34 4.86
N HIS A 14 5.54 -0.62 4.73
CA HIS A 14 6.07 0.17 5.84
C HIS A 14 5.86 1.66 5.57
N ILE A 15 5.68 2.01 4.31
CA ILE A 15 5.45 3.40 3.91
C ILE A 15 4.09 3.87 4.37
N CYS A 16 3.07 3.08 4.07
CA CYS A 16 1.70 3.40 4.44
C CYS A 16 1.48 3.15 5.93
N GLY A 1 -7.29 6.61 -1.57
CA GLY A 1 -7.18 5.35 -0.80
C GLY A 1 -6.36 4.30 -1.53
N CYS A 2 -5.17 4.69 -1.99
CA CYS A 2 -4.29 3.78 -2.71
C CYS A 2 -3.87 2.62 -1.82
N CYS A 3 -3.54 2.94 -0.58
CA CYS A 3 -3.12 1.92 0.39
C CYS A 3 -4.15 0.80 0.50
N SER A 4 -5.39 1.11 0.17
CA SER A 4 -6.47 0.12 0.22
C SER A 4 -6.30 -0.95 -0.86
N HIS A 5 -5.38 -0.72 -1.78
CA HIS A 5 -5.12 -1.68 -2.86
C HIS A 5 -3.90 -2.54 -2.55
N PRO A 6 -4.00 -3.87 -2.79
CA PRO A 6 -2.90 -4.79 -2.53
C PRO A 6 -1.61 -4.37 -3.24
N ALA A 7 -1.76 -3.66 -4.36
CA ALA A 7 -0.63 -3.20 -5.13
C ALA A 7 0.09 -2.05 -4.43
N CYS A 8 -0.68 -1.23 -3.73
CA CYS A 8 -0.13 -0.08 -3.01
C CYS A 8 0.52 -0.52 -1.70
N ALA A 9 -0.25 -1.20 -0.88
CA ALA A 9 0.24 -1.69 0.41
C ALA A 9 1.45 -2.59 0.23
N GLY A 10 1.49 -3.31 -0.88
CA GLY A 10 2.61 -4.19 -1.16
C GLY A 10 3.95 -3.48 -1.16
N ASN A 11 4.00 -2.32 -1.80
CA ASN A 11 5.22 -1.53 -1.86
C ASN A 11 5.18 -0.38 -0.85
N ASN A 12 4.20 -0.42 0.05
CA ASN A 12 4.06 0.60 1.07
C ASN A 12 3.70 -0.02 2.42
N GLN A 13 4.11 -1.28 2.62
CA GLN A 13 3.83 -1.97 3.87
C GLN A 13 4.35 -1.17 5.05
N HIS A 14 5.57 -0.69 4.94
CA HIS A 14 6.19 0.12 5.99
C HIS A 14 6.06 1.61 5.66
N ILE A 15 5.80 1.91 4.39
CA ILE A 15 5.65 3.29 3.95
C ILE A 15 4.31 3.86 4.38
N CYS A 16 3.27 3.06 4.22
CA CYS A 16 1.91 3.47 4.58
C CYS A 16 1.80 3.66 6.09
N GLY A 1 -8.22 5.14 -0.36
CA GLY A 1 -7.17 5.67 -1.27
C GLY A 1 -6.40 4.56 -1.96
N CYS A 2 -5.16 4.85 -2.33
CA CYS A 2 -4.31 3.86 -3.00
C CYS A 2 -3.90 2.75 -2.04
N CYS A 3 -3.55 3.13 -0.82
CA CYS A 3 -3.14 2.17 0.20
C CYS A 3 -4.20 1.08 0.40
N SER A 4 -5.45 1.42 0.06
CA SER A 4 -6.55 0.48 0.20
C SER A 4 -6.41 -0.70 -0.77
N HIS A 5 -5.50 -0.57 -1.73
CA HIS A 5 -5.27 -1.62 -2.71
C HIS A 5 -4.07 -2.47 -2.35
N PRO A 6 -4.16 -3.81 -2.52
CA PRO A 6 -3.06 -4.73 -2.21
C PRO A 6 -1.78 -4.37 -2.96
N ALA A 7 -1.94 -3.78 -4.14
CA ALA A 7 -0.79 -3.40 -4.95
C ALA A 7 -0.06 -2.21 -4.35
N CYS A 8 -0.81 -1.31 -3.74
CA CYS A 8 -0.23 -0.12 -3.11
C CYS A 8 0.46 -0.48 -1.80
N ALA A 9 -0.13 -1.43 -1.08
CA ALA A 9 0.43 -1.86 0.20
C ALA A 9 1.67 -2.73 -0.01
N GLY A 10 1.75 -3.38 -1.18
CA GLY A 10 2.88 -4.23 -1.48
C GLY A 10 4.22 -3.53 -1.30
N ASN A 11 4.28 -2.28 -1.75
CA ASN A 11 5.50 -1.49 -1.62
C ASN A 11 5.41 -0.53 -0.44
N ASN A 12 4.20 -0.35 0.08
CA ASN A 12 3.97 0.54 1.21
C ASN A 12 3.88 -0.23 2.51
N GLN A 13 4.57 -1.38 2.58
CA GLN A 13 4.56 -2.19 3.78
C GLN A 13 4.95 -1.36 5.00
N HIS A 14 5.91 -0.46 4.78
CA HIS A 14 6.38 0.43 5.83
C HIS A 14 5.86 1.84 5.60
N ILE A 15 5.66 2.18 4.32
CA ILE A 15 5.15 3.49 3.96
C ILE A 15 3.79 3.75 4.59
N CYS A 16 2.86 2.86 4.34
CA CYS A 16 1.51 2.97 4.87
C CYS A 16 1.52 2.84 6.40
N GLY A 1 -7.10 7.13 -2.40
CA GLY A 1 -6.85 5.95 -1.52
C GLY A 1 -6.17 4.81 -2.26
N CYS A 2 -4.87 4.96 -2.49
CA CYS A 2 -4.10 3.94 -3.20
C CYS A 2 -3.69 2.81 -2.24
N CYS A 3 -3.24 3.20 -1.06
CA CYS A 3 -2.82 2.23 -0.05
C CYS A 3 -3.93 1.23 0.26
N SER A 4 -5.17 1.63 -0.02
CA SER A 4 -6.32 0.76 0.23
C SER A 4 -6.24 -0.53 -0.59
N HIS A 5 -5.38 -0.54 -1.60
CA HIS A 5 -5.21 -1.70 -2.46
C HIS A 5 -3.98 -2.52 -2.05
N PRO A 6 -4.04 -3.84 -2.22
CA PRO A 6 -2.92 -4.74 -1.87
C PRO A 6 -1.66 -4.42 -2.67
N ALA A 7 -1.85 -3.97 -3.91
CA ALA A 7 -0.72 -3.65 -4.78
C ALA A 7 0.02 -2.41 -4.29
N CYS A 8 -0.74 -1.44 -3.78
CA CYS A 8 -0.16 -0.20 -3.28
C CYS A 8 0.47 -0.42 -1.90
N ALA A 9 -0.13 -1.31 -1.11
CA ALA A 9 0.36 -1.61 0.23
C ALA A 9 1.54 -2.60 0.16
N GLY A 10 1.54 -3.43 -0.88
CA GLY A 10 2.62 -4.40 -1.03
C GLY A 10 3.95 -3.76 -1.30
N ASN A 11 3.93 -2.56 -1.89
CA ASN A 11 5.16 -1.84 -2.20
C ASN A 11 5.44 -0.76 -1.15
N ASN A 12 4.37 -0.21 -0.59
CA ASN A 12 4.50 0.82 0.43
C ASN A 12 4.11 0.28 1.81
N GLN A 13 4.61 -0.91 2.12
CA GLN A 13 4.32 -1.55 3.40
C GLN A 13 4.77 -0.68 4.56
N HIS A 14 6.03 -0.29 4.53
CA HIS A 14 6.61 0.55 5.58
C HIS A 14 5.83 1.86 5.73
N ILE A 15 5.30 2.35 4.61
CA ILE A 15 4.53 3.59 4.61
C ILE A 15 3.25 3.42 5.42
N CYS A 16 2.39 2.53 4.93
CA CYS A 16 1.12 2.25 5.58
C CYS A 16 1.33 1.50 6.89
N GLY A 1 -9.07 4.82 -1.09
CA GLY A 1 -7.66 5.25 -1.29
C GLY A 1 -6.82 4.19 -1.98
N CYS A 2 -5.56 4.52 -2.26
CA CYS A 2 -4.65 3.59 -2.92
C CYS A 2 -4.10 2.57 -1.93
N CYS A 3 -3.74 3.05 -0.75
CA CYS A 3 -3.19 2.18 0.30
C CYS A 3 -4.12 1.01 0.58
N SER A 4 -5.41 1.19 0.30
CA SER A 4 -6.40 0.15 0.53
C SER A 4 -6.23 -1.00 -0.47
N HIS A 5 -5.38 -0.80 -1.47
CA HIS A 5 -5.14 -1.81 -2.49
C HIS A 5 -3.85 -2.59 -2.21
N PRO A 6 -3.76 -3.83 -2.69
CA PRO A 6 -2.57 -4.67 -2.50
C PRO A 6 -1.37 -4.17 -3.28
N ALA A 7 -1.65 -3.50 -4.39
CA ALA A 7 -0.59 -2.97 -5.26
C ALA A 7 0.10 -1.77 -4.60
N CYS A 8 -0.67 -1.01 -3.83
CA CYS A 8 -0.13 0.16 -3.14
C CYS A 8 0.52 -0.22 -1.82
N ALA A 9 -0.19 -1.04 -1.04
CA ALA A 9 0.32 -1.49 0.26
C ALA A 9 1.43 -2.53 0.08
N GLY A 10 1.44 -3.21 -1.07
CA GLY A 10 2.45 -4.22 -1.33
C GLY A 10 3.86 -3.72 -1.09
N ASN A 11 4.16 -2.52 -1.59
CA ASN A 11 5.48 -1.93 -1.42
C ASN A 11 5.47 -0.90 -0.29
N ASN A 12 4.27 -0.46 0.10
CA ASN A 12 4.12 0.53 1.16
C ASN A 12 3.75 -0.15 2.48
N GLN A 13 4.13 -1.42 2.62
CA GLN A 13 3.84 -2.15 3.85
C GLN A 13 4.34 -1.38 5.06
N HIS A 14 5.44 -0.65 4.86
CA HIS A 14 6.02 0.16 5.92
C HIS A 14 5.84 1.64 5.59
N ILE A 15 5.83 1.95 4.30
CA ILE A 15 5.66 3.32 3.83
C ILE A 15 4.34 3.89 4.29
N CYS A 16 3.27 3.15 4.02
CA CYS A 16 1.92 3.56 4.40
C CYS A 16 1.63 3.19 5.85
N GLY A 1 -7.18 6.68 -2.13
CA GLY A 1 -6.45 5.86 -1.12
C GLY A 1 -5.75 4.67 -1.74
N CYS A 2 -4.45 4.77 -1.91
CA CYS A 2 -3.66 3.69 -2.49
C CYS A 2 -3.62 2.49 -1.56
N CYS A 3 -3.39 2.75 -0.28
CA CYS A 3 -3.34 1.70 0.73
C CYS A 3 -4.54 0.77 0.64
N SER A 4 -5.65 1.30 0.14
CA SER A 4 -6.86 0.50 -0.01
C SER A 4 -6.69 -0.58 -1.07
N HIS A 5 -5.61 -0.49 -1.84
CA HIS A 5 -5.33 -1.46 -2.89
C HIS A 5 -4.30 -2.48 -2.43
N PRO A 6 -4.30 -3.67 -3.04
CA PRO A 6 -3.35 -4.74 -2.69
C PRO A 6 -1.97 -4.50 -3.27
N ALA A 7 -1.89 -3.68 -4.30
CA ALA A 7 -0.62 -3.37 -4.95
C ALA A 7 0.14 -2.29 -4.19
N CYS A 8 -0.57 -1.25 -3.78
CA CYS A 8 0.02 -0.15 -3.04
C CYS A 8 0.65 -0.64 -1.74
N ALA A 9 -0.12 -1.39 -0.98
CA ALA A 9 0.35 -1.93 0.30
C ALA A 9 1.60 -2.79 0.10
N GLY A 10 1.71 -3.39 -1.08
CA GLY A 10 2.86 -4.24 -1.36
C GLY A 10 4.17 -3.50 -1.21
N ASN A 11 4.24 -2.31 -1.80
CA ASN A 11 5.45 -1.49 -1.73
C ASN A 11 5.32 -0.41 -0.66
N ASN A 12 4.24 -0.48 0.13
CA ASN A 12 4.00 0.49 1.18
C ASN A 12 3.87 -0.19 2.53
N GLN A 13 4.48 -1.37 2.67
CA GLN A 13 4.44 -2.11 3.92
C GLN A 13 4.87 -1.22 5.08
N HIS A 14 5.84 -0.36 4.81
CA HIS A 14 6.35 0.56 5.82
C HIS A 14 5.87 1.98 5.50
N ILE A 15 5.68 2.25 4.21
CA ILE A 15 5.22 3.56 3.77
C ILE A 15 3.87 3.89 4.37
N CYS A 16 2.89 3.01 4.13
CA CYS A 16 1.54 3.20 4.64
C CYS A 16 1.54 3.24 6.17
N GLY A 1 -8.17 5.80 -1.39
CA GLY A 1 -6.72 5.77 -1.06
C GLY A 1 -5.97 4.70 -1.83
N CYS A 2 -4.66 4.86 -1.95
CA CYS A 2 -3.84 3.89 -2.66
C CYS A 2 -3.56 2.66 -1.80
N CYS A 3 -3.24 2.90 -0.53
CA CYS A 3 -2.96 1.81 0.41
C CYS A 3 -4.08 0.79 0.42
N SER A 4 -5.28 1.22 0.05
CA SER A 4 -6.44 0.33 0.02
C SER A 4 -6.33 -0.70 -1.10
N HIS A 5 -5.35 -0.51 -1.98
CA HIS A 5 -5.14 -1.43 -3.09
C HIS A 5 -4.02 -2.42 -2.79
N PRO A 6 -4.24 -3.72 -3.08
CA PRO A 6 -3.23 -4.76 -2.84
C PRO A 6 -1.89 -4.45 -3.49
N ALA A 7 -1.92 -3.61 -4.52
CA ALA A 7 -0.71 -3.24 -5.24
C ALA A 7 -0.09 -1.96 -4.68
N CYS A 8 -0.50 -1.59 -3.47
CA CYS A 8 0.03 -0.38 -2.82
C CYS A 8 0.56 -0.69 -1.43
N ALA A 9 -0.23 -1.40 -0.65
CA ALA A 9 0.16 -1.77 0.71
C ALA A 9 1.31 -2.78 0.68
N GLY A 10 1.35 -3.59 -0.36
CA GLY A 10 2.40 -4.58 -0.47
C GLY A 10 3.74 -3.98 -0.85
N ASN A 11 3.70 -2.84 -1.53
CA ASN A 11 4.92 -2.16 -1.95
C ASN A 11 5.26 -1.01 -1.00
N ASN A 12 4.22 -0.36 -0.48
CA ASN A 12 4.39 0.75 0.43
C ASN A 12 4.10 0.33 1.87
N GLN A 13 4.54 -0.88 2.22
CA GLN A 13 4.33 -1.41 3.56
C GLN A 13 4.94 -0.50 4.61
N HIS A 14 6.15 -0.02 4.34
CA HIS A 14 6.84 0.86 5.28
C HIS A 14 6.11 2.19 5.41
N ILE A 15 5.50 2.63 4.32
CA ILE A 15 4.76 3.88 4.32
C ILE A 15 3.54 3.79 5.23
N CYS A 16 2.65 2.89 4.87
CA CYS A 16 1.42 2.69 5.63
C CYS A 16 1.71 1.90 6.90
N GLY A 1 -7.03 5.83 -0.29
CA GLY A 1 -6.65 6.02 -1.72
C GLY A 1 -5.83 4.87 -2.26
N CYS A 2 -4.52 5.02 -2.25
CA CYS A 2 -3.62 3.98 -2.74
C CYS A 2 -3.50 2.84 -1.73
N CYS A 3 -3.38 3.20 -0.46
CA CYS A 3 -3.25 2.22 0.61
C CYS A 3 -4.43 1.25 0.60
N SER A 4 -5.54 1.69 0.03
CA SER A 4 -6.74 0.85 -0.04
C SER A 4 -6.56 -0.32 -1.01
N HIS A 5 -5.46 -0.29 -1.77
CA HIS A 5 -5.18 -1.36 -2.73
C HIS A 5 -4.18 -2.36 -2.16
N PRO A 6 -4.30 -3.63 -2.54
CA PRO A 6 -3.39 -4.69 -2.06
C PRO A 6 -2.01 -4.60 -2.72
N ALA A 7 -1.97 -4.06 -3.93
CA ALA A 7 -0.71 -3.92 -4.66
C ALA A 7 0.09 -2.72 -4.16
N CYS A 8 -0.61 -1.69 -3.72
CA CYS A 8 0.03 -0.47 -3.22
C CYS A 8 0.70 -0.74 -1.88
N ALA A 9 0.09 -1.61 -1.08
CA ALA A 9 0.62 -1.95 0.24
C ALA A 9 1.86 -2.83 0.11
N GLY A 10 1.91 -3.63 -0.95
CA GLY A 10 3.04 -4.50 -1.18
C GLY A 10 4.33 -3.74 -1.37
N ASN A 11 4.24 -2.55 -1.96
CA ASN A 11 5.42 -1.73 -2.21
C ASN A 11 5.53 -0.64 -1.15
N ASN A 12 4.40 -0.18 -0.65
CA ASN A 12 4.38 0.87 0.37
C ASN A 12 4.03 0.28 1.74
N GLN A 13 4.67 -0.83 2.07
CA GLN A 13 4.44 -1.50 3.35
C GLN A 13 4.78 -0.58 4.52
N HIS A 14 6.04 -0.21 4.62
CA HIS A 14 6.51 0.66 5.70
C HIS A 14 5.71 1.96 5.73
N ILE A 15 5.26 2.40 4.56
CA ILE A 15 4.47 3.62 4.46
C ILE A 15 3.17 3.49 5.23
N CYS A 16 2.32 2.58 4.75
CA CYS A 16 1.03 2.34 5.37
C CYS A 16 1.21 1.80 6.79
N GLY A 1 -7.14 6.99 -2.16
CA GLY A 1 -7.43 5.62 -1.65
C GLY A 1 -6.55 4.56 -2.31
N CYS A 2 -5.25 4.80 -2.31
CA CYS A 2 -4.30 3.86 -2.90
C CYS A 2 -3.97 2.73 -1.93
N CYS A 3 -3.76 3.09 -0.67
CA CYS A 3 -3.43 2.11 0.36
C CYS A 3 -4.52 1.04 0.46
N SER A 4 -5.73 1.37 0.00
CA SER A 4 -6.84 0.44 0.04
C SER A 4 -6.62 -0.73 -0.91
N HIS A 5 -5.62 -0.61 -1.79
CA HIS A 5 -5.33 -1.66 -2.75
C HIS A 5 -4.15 -2.52 -2.28
N PRO A 6 -4.11 -3.79 -2.71
CA PRO A 6 -3.03 -4.71 -2.33
C PRO A 6 -1.71 -4.36 -3.00
N ALA A 7 -1.80 -3.74 -4.18
CA ALA A 7 -0.61 -3.35 -4.92
C ALA A 7 0.09 -2.16 -4.29
N CYS A 8 -0.71 -1.27 -3.69
CA CYS A 8 -0.17 -0.08 -3.05
C CYS A 8 0.50 -0.43 -1.73
N ALA A 9 -0.08 -1.39 -1.02
CA ALA A 9 0.47 -1.84 0.26
C ALA A 9 1.69 -2.72 0.07
N GLY A 10 1.77 -3.39 -1.08
CA GLY A 10 2.90 -4.26 -1.37
C GLY A 10 4.23 -3.55 -1.23
N ASN A 11 4.28 -2.30 -1.69
CA ASN A 11 5.51 -1.51 -1.62
C ASN A 11 5.47 -0.55 -0.43
N ASN A 12 4.27 -0.27 0.05
CA ASN A 12 4.08 0.64 1.18
C ASN A 12 3.89 -0.15 2.48
N GLN A 13 4.48 -1.34 2.55
CA GLN A 13 4.37 -2.17 3.75
C GLN A 13 4.80 -1.38 4.97
N HIS A 14 5.85 -0.58 4.81
CA HIS A 14 6.37 0.25 5.88
C HIS A 14 6.07 1.72 5.61
N ILE A 15 5.74 2.03 4.36
CA ILE A 15 5.43 3.40 3.96
C ILE A 15 4.06 3.81 4.49
N CYS A 16 3.08 2.97 4.24
CA CYS A 16 1.71 3.22 4.68
C CYS A 16 1.56 2.99 6.19
N GLY A 1 -8.09 4.63 0.33
CA GLY A 1 -7.12 5.31 -0.58
C GLY A 1 -6.34 4.33 -1.43
N CYS A 2 -5.05 4.58 -1.59
CA CYS A 2 -4.18 3.72 -2.39
C CYS A 2 -3.76 2.49 -1.60
N CYS A 3 -3.39 2.71 -0.34
CA CYS A 3 -2.96 1.63 0.54
C CYS A 3 -4.03 0.53 0.61
N SER A 4 -5.27 0.89 0.33
CA SER A 4 -6.37 -0.08 0.36
C SER A 4 -6.29 -1.05 -0.81
N HIS A 5 -5.38 -0.79 -1.75
CA HIS A 5 -5.21 -1.65 -2.91
C HIS A 5 -4.04 -2.60 -2.73
N PRO A 6 -4.06 -3.76 -3.40
CA PRO A 6 -2.99 -4.75 -3.32
C PRO A 6 -1.70 -4.29 -4.00
N ALA A 7 -1.83 -3.35 -4.92
CA ALA A 7 -0.68 -2.83 -5.65
C ALA A 7 -0.12 -1.57 -4.98
N CYS A 8 -0.50 -1.35 -3.72
CA CYS A 8 -0.03 -0.18 -2.97
C CYS A 8 0.56 -0.60 -1.63
N ALA A 9 -0.28 -1.14 -0.76
CA ALA A 9 0.15 -1.58 0.56
C ALA A 9 1.26 -2.61 0.45
N GLY A 10 1.28 -3.36 -0.64
CA GLY A 10 2.31 -4.36 -0.85
C GLY A 10 3.71 -3.79 -0.76
N ASN A 11 3.89 -2.62 -1.37
CA ASN A 11 5.19 -1.95 -1.35
C ASN A 11 5.23 -0.85 -0.30
N ASN A 12 4.05 -0.44 0.17
CA ASN A 12 3.95 0.60 1.17
C ASN A 12 3.71 0.00 2.56
N GLN A 13 4.12 -1.26 2.74
CA GLN A 13 3.95 -1.93 4.02
C GLN A 13 4.55 -1.08 5.14
N HIS A 14 5.67 -0.43 4.83
CA HIS A 14 6.34 0.45 5.78
C HIS A 14 6.08 1.90 5.42
N ILE A 15 5.90 2.16 4.13
CA ILE A 15 5.64 3.50 3.64
C ILE A 15 4.35 4.05 4.22
N CYS A 16 3.27 3.31 4.01
CA CYS A 16 1.95 3.69 4.51
C CYS A 16 1.95 3.76 6.03
N GLY A 1 -7.60 5.60 -0.53
CA GLY A 1 -7.09 5.89 -1.89
C GLY A 1 -6.37 4.70 -2.50
N CYS A 2 -5.06 4.82 -2.66
CA CYS A 2 -4.25 3.76 -3.24
C CYS A 2 -3.84 2.75 -2.17
N CYS A 3 -3.41 3.26 -1.02
CA CYS A 3 -2.99 2.42 0.09
C CYS A 3 -4.05 1.37 0.43
N SER A 4 -5.30 1.66 0.10
CA SER A 4 -6.39 0.74 0.37
C SER A 4 -6.36 -0.46 -0.57
N HIS A 5 -5.46 -0.42 -1.56
CA HIS A 5 -5.33 -1.52 -2.52
C HIS A 5 -4.17 -2.43 -2.16
N PRO A 6 -4.34 -3.75 -2.30
CA PRO A 6 -3.29 -4.73 -2.00
C PRO A 6 -2.00 -4.47 -2.77
N ALA A 7 -2.16 -3.92 -3.97
CA ALA A 7 -1.00 -3.63 -4.82
C ALA A 7 -0.20 -2.46 -4.28
N CYS A 8 -0.90 -1.48 -3.70
CA CYS A 8 -0.25 -0.31 -3.13
C CYS A 8 0.51 -0.67 -1.86
N ALA A 9 0.00 -1.66 -1.13
CA ALA A 9 0.63 -2.09 0.11
C ALA A 9 1.93 -2.83 -0.17
N GLY A 10 2.05 -3.38 -1.38
CA GLY A 10 3.26 -4.12 -1.74
C GLY A 10 4.52 -3.31 -1.49
N ASN A 11 4.50 -2.04 -1.88
CA ASN A 11 5.65 -1.16 -1.69
C ASN A 11 5.47 -0.27 -0.46
N ASN A 12 4.24 -0.20 0.04
CA ASN A 12 3.94 0.61 1.21
C ASN A 12 3.86 -0.24 2.46
N GLN A 13 4.63 -1.32 2.50
CA GLN A 13 4.66 -2.21 3.66
C GLN A 13 4.99 -1.41 4.92
N HIS A 14 5.89 -0.46 4.77
CA HIS A 14 6.30 0.40 5.88
C HIS A 14 5.74 1.81 5.69
N ILE A 15 5.43 2.14 4.44
CA ILE A 15 4.88 3.46 4.11
C ILE A 15 3.49 3.63 4.71
N CYS A 16 2.63 2.67 4.42
CA CYS A 16 1.26 2.69 4.91
C CYS A 16 1.22 2.48 6.42
N GLY A 1 -8.15 6.40 -2.46
CA GLY A 1 -7.35 5.59 -1.50
C GLY A 1 -6.64 4.44 -2.18
N CYS A 2 -5.38 4.65 -2.56
CA CYS A 2 -4.60 3.62 -3.23
C CYS A 2 -4.09 2.60 -2.22
N CYS A 3 -3.64 3.08 -1.07
CA CYS A 3 -3.12 2.21 -0.02
C CYS A 3 -4.13 1.13 0.35
N SER A 4 -5.41 1.42 0.12
CA SER A 4 -6.48 0.48 0.44
C SER A 4 -6.34 -0.79 -0.38
N HIS A 5 -5.53 -0.74 -1.44
CA HIS A 5 -5.33 -1.89 -2.31
C HIS A 5 -4.02 -2.60 -1.97
N PRO A 6 -3.93 -3.90 -2.28
CA PRO A 6 -2.73 -4.70 -2.02
C PRO A 6 -1.55 -4.30 -2.91
N ALA A 7 -1.86 -3.74 -4.08
CA ALA A 7 -0.83 -3.32 -5.02
C ALA A 7 -0.06 -2.12 -4.48
N CYS A 8 -0.79 -1.17 -3.91
CA CYS A 8 -0.18 0.04 -3.35
C CYS A 8 0.47 -0.26 -2.00
N ALA A 9 -0.09 -1.21 -1.28
CA ALA A 9 0.42 -1.58 0.03
C ALA A 9 1.66 -2.48 -0.11
N GLY A 10 1.75 -3.18 -1.23
CA GLY A 10 2.88 -4.07 -1.46
C GLY A 10 4.21 -3.36 -1.30
N ASN A 11 4.31 -2.15 -1.85
CA ASN A 11 5.53 -1.36 -1.76
C ASN A 11 5.42 -0.30 -0.66
N ASN A 12 4.37 -0.40 0.14
CA ASN A 12 4.14 0.55 1.23
C ASN A 12 3.82 -0.18 2.52
N GLN A 13 4.24 -1.45 2.63
CA GLN A 13 3.99 -2.24 3.82
C GLN A 13 4.41 -1.47 5.07
N HIS A 14 5.56 -0.80 4.96
CA HIS A 14 6.08 0.00 6.06
C HIS A 14 5.82 1.48 5.80
N ILE A 15 5.77 1.85 4.53
CA ILE A 15 5.53 3.22 4.13
C ILE A 15 4.16 3.69 4.62
N CYS A 16 3.13 2.96 4.22
CA CYS A 16 1.77 3.28 4.61
C CYS A 16 1.59 3.22 6.12
#